data_4W97
#
_entry.id   4W97
#
_cell.length_a   72.485
_cell.length_b   90.476
_cell.length_c   49.798
_cell.angle_alpha   90.00
_cell.angle_beta   129.68
_cell.angle_gamma   90.00
#
_symmetry.space_group_name_H-M   'C 1 2 1'
#
loop_
_entity.id
_entity.type
_entity.pdbx_description
1 polymer 'HTH-type transcriptional repressor KstR2'
2 non-polymer 'S-[2-[3-[[(2R)-4-[[[(2R,3S,4R,5R)-5-(6-aminopurin-9-yl)-4-oxidanyl-3-phosphonooxy-oxolan-2-yl]methoxy-oxidanyl-phosphoryl]oxy-oxidanyl-phosphoryl]oxy-3,3-dimethyl-2-oxidanyl-butanoyl]amino]propanoylamino]ethyl] 3-[(3aS,4S,7aS)-7a-methyl-1,5-bis(oxidanylidene)-2,3,3a,4,6,7-hexahydroinden-4-yl]propanethioate'
3 non-polymer 'CHLORIDE ION'
4 water water
#
_entity_poly.entity_id   1
_entity_poly.type   'polypeptide(L)'
_entity_poly.pdbx_seq_one_letter_code
;GDRVAGQVNSRRGELLELAAAMFAERGLRATTVRDIADGAGILSGSLYHHFASKEEMVDELLRGFLDWLFARYRDIVDST
ANPLERLQGLFMASFEAIEHHHAQVVIYQDEAQRLASQPRFSYIEDRNKQQRKMWVDVLNQGIEEGYFRPDLDVDLVYRF
IRDTTWVSVRWYRPGGPLTAQQVGQQYLAIVLGGITKEGV
;
_entity_poly.pdbx_strand_id   A
#
loop_
_chem_comp.id
_chem_comp.type
_chem_comp.name
_chem_comp.formula
CL non-polymer 'CHLORIDE ION' 'Cl -1'
UCA non-polymer 'S-[2-[3-[[(2R)-4-[[[(2R,3S,4R,5R)-5-(6-aminopurin-9-yl)-4-oxidanyl-3-phosphonooxy-oxolan-2-yl]methoxy-oxidanyl-phosphoryl]oxy-oxidanyl-phosphoryl]oxy-3,3-dimethyl-2-oxidanyl-butanoyl]amino]propanoylamino]ethyl] 3-[(3aS,4S,7aS)-7a-methyl-1,5-bis(oxidanylidene)-2,3,3a,4,6,7-hexahydroinden-4-yl]propanethioate' 'C34 H52 N7 O19 P3 S'
#
# COMPACT_ATOMS: atom_id res chain seq x y z
N ARG A 3 -12.50 -1.49 5.18
CA ARG A 3 -12.06 -2.46 4.19
C ARG A 3 -11.52 -1.81 2.91
N VAL A 4 -12.28 -0.86 2.37
CA VAL A 4 -11.75 0.00 1.32
C VAL A 4 -11.24 1.30 1.97
N ALA A 5 -9.91 1.42 2.05
CA ALA A 5 -9.23 2.61 2.58
C ALA A 5 -9.75 3.85 1.92
N GLY A 6 -10.10 4.86 2.72
CA GLY A 6 -10.62 6.12 2.18
C GLY A 6 -12.06 6.23 1.74
N GLN A 7 -12.85 5.18 1.97
CA GLN A 7 -14.27 5.27 1.75
C GLN A 7 -14.98 5.07 3.05
N VAL A 8 -16.29 5.26 3.02
CA VAL A 8 -17.08 4.98 4.18
C VAL A 8 -18.08 3.93 3.74
N ASN A 9 -18.97 3.51 4.65
CA ASN A 9 -19.89 2.39 4.44
C ASN A 9 -21.08 2.81 3.56
N SER A 10 -20.86 3.81 2.72
CA SER A 10 -21.94 4.33 1.91
C SER A 10 -22.20 3.33 0.78
N ARG A 11 -23.27 3.51 0.03
CA ARG A 11 -23.37 2.66 -1.15
C ARG A 11 -22.20 2.76 -2.15
N ARG A 12 -21.67 3.95 -2.37
CA ARG A 12 -20.49 4.10 -3.21
C ARG A 12 -19.40 3.23 -2.64
N GLY A 13 -19.22 3.29 -1.33
CA GLY A 13 -18.14 2.53 -0.74
C GLY A 13 -18.36 1.03 -0.96
N GLU A 14 -19.61 0.60 -0.84
CA GLU A 14 -19.92 -0.81 -1.10
C GLU A 14 -19.52 -1.21 -2.53
N LEU A 15 -19.86 -0.37 -3.51
CA LEU A 15 -19.55 -0.68 -4.89
C LEU A 15 -18.07 -0.66 -5.18
N LEU A 16 -17.35 0.26 -4.53
CA LEU A 16 -15.93 0.32 -4.75
C LEU A 16 -15.26 -0.94 -4.18
N GLU A 17 -15.77 -1.44 -3.04
CA GLU A 17 -15.23 -2.69 -2.48
C GLU A 17 -15.38 -3.84 -3.46
N LEU A 18 -16.56 -3.93 -4.06
CA LEU A 18 -16.83 -4.98 -5.03
C LEU A 18 -15.93 -4.83 -6.25
N ALA A 19 -15.81 -3.61 -6.77
CA ALA A 19 -14.89 -3.36 -7.89
C ALA A 19 -13.42 -3.69 -7.57
N ALA A 20 -12.97 -3.29 -6.38
CA ALA A 20 -11.58 -3.54 -5.98
C ALA A 20 -11.31 -5.04 -5.96
N ALA A 21 -12.25 -5.81 -5.45
CA ALA A 21 -12.04 -7.25 -5.37
C ALA A 21 -11.93 -7.82 -6.79
N MET A 22 -12.79 -7.34 -7.69
CA MET A 22 -12.79 -7.81 -9.05
CA MET A 22 -12.77 -7.84 -9.06
C MET A 22 -11.49 -7.42 -9.75
N PHE A 23 -11.09 -6.15 -9.61
CA PHE A 23 -9.86 -5.67 -10.23
C PHE A 23 -8.67 -6.51 -9.72
N ALA A 24 -8.66 -6.80 -8.42
CA ALA A 24 -7.50 -7.52 -7.86
C ALA A 24 -7.46 -8.93 -8.35
N GLU A 25 -8.64 -9.53 -8.56
CA GLU A 25 -8.71 -10.92 -8.90
C GLU A 25 -8.50 -11.12 -10.39
N ARG A 26 -9.15 -10.30 -11.18
CA ARG A 26 -9.27 -10.53 -12.65
C ARG A 26 -8.30 -9.66 -13.42
N GLY A 27 -7.82 -8.59 -12.79
CA GLY A 27 -7.02 -7.59 -13.47
C GLY A 27 -7.91 -6.44 -13.93
N LEU A 28 -7.35 -5.26 -13.90
CA LEU A 28 -8.09 -4.07 -14.27
C LEU A 28 -8.54 -4.09 -15.71
N ARG A 29 -7.63 -4.39 -16.61
CA ARG A 29 -8.00 -4.29 -18.00
C ARG A 29 -8.92 -5.44 -18.42
N ALA A 30 -8.92 -6.54 -17.66
CA ALA A 30 -9.87 -7.62 -17.94
C ALA A 30 -11.29 -7.41 -17.34
N THR A 31 -11.50 -6.33 -16.59
CA THR A 31 -12.78 -6.06 -15.92
C THR A 31 -13.54 -4.87 -16.51
N THR A 32 -14.81 -5.00 -16.90
CA THR A 32 -15.57 -3.85 -17.42
C THR A 32 -16.58 -3.34 -16.42
N VAL A 33 -17.13 -2.19 -16.76
CA VAL A 33 -18.14 -1.59 -15.92
C VAL A 33 -19.33 -2.56 -15.89
N ARG A 34 -19.64 -3.13 -17.05
CA ARG A 34 -20.71 -4.16 -17.10
C ARG A 34 -20.45 -5.33 -16.13
N ASP A 35 -19.20 -5.82 -16.06
CA ASP A 35 -18.84 -6.93 -15.16
C ASP A 35 -19.09 -6.54 -13.72
N ILE A 36 -18.70 -5.32 -13.38
CA ILE A 36 -18.93 -4.86 -12.03
C ILE A 36 -20.40 -4.70 -11.75
N ALA A 37 -21.11 -4.08 -12.71
CA ALA A 37 -22.55 -3.91 -12.48
C ALA A 37 -23.24 -5.26 -12.30
N ASP A 38 -22.86 -6.26 -13.10
CA ASP A 38 -23.45 -7.61 -12.99
C ASP A 38 -23.19 -8.15 -11.60
N GLY A 39 -21.97 -7.95 -11.12
CA GLY A 39 -21.53 -8.47 -9.82
C GLY A 39 -22.37 -7.88 -8.72
N ALA A 40 -22.71 -6.60 -8.86
CA ALA A 40 -23.57 -5.91 -7.91
C ALA A 40 -25.08 -6.14 -8.07
N GLY A 41 -25.53 -6.72 -9.20
CA GLY A 41 -26.94 -6.92 -9.42
C GLY A 41 -27.67 -5.65 -9.89
N ILE A 42 -26.90 -4.73 -10.45
CA ILE A 42 -27.51 -3.47 -10.89
C ILE A 42 -27.28 -3.26 -12.39
N LEU A 43 -28.06 -2.32 -12.97
CA LEU A 43 -27.81 -1.91 -14.37
C LEU A 43 -26.52 -1.13 -14.43
N SER A 44 -25.83 -1.21 -15.55
CA SER A 44 -24.68 -0.35 -15.76
CA SER A 44 -24.67 -0.37 -15.74
C SER A 44 -25.02 1.10 -15.56
N GLY A 45 -26.20 1.50 -16.04
CA GLY A 45 -26.65 2.89 -15.91
C GLY A 45 -26.74 3.33 -14.46
N SER A 46 -27.07 2.41 -13.55
CA SER A 46 -27.15 2.78 -12.15
C SER A 46 -25.74 2.92 -11.54
N LEU A 47 -24.82 2.06 -11.99
CA LEU A 47 -23.42 2.16 -11.55
C LEU A 47 -22.88 3.52 -12.00
N TYR A 48 -23.40 4.03 -13.14
CA TYR A 48 -22.94 5.32 -13.69
C TYR A 48 -23.57 6.49 -13.00
N HIS A 49 -24.40 6.22 -11.99
CA HIS A 49 -24.86 7.27 -11.04
C HIS A 49 -23.89 7.49 -9.90
N HIS A 50 -22.87 6.64 -9.79
CA HIS A 50 -21.82 6.78 -8.76
C HIS A 50 -20.40 7.10 -9.29
N PHE A 51 -20.11 6.63 -10.51
CA PHE A 51 -18.80 6.82 -11.12
C PHE A 51 -18.92 7.12 -12.56
N ALA A 52 -18.06 8.02 -13.03
CA ALA A 52 -18.11 8.43 -14.44
C ALA A 52 -17.54 7.39 -15.39
N SER A 53 -16.67 6.54 -14.88
CA SER A 53 -15.85 5.60 -15.65
C SER A 53 -15.17 4.65 -14.70
N LYS A 54 -14.62 3.61 -15.27
CA LYS A 54 -13.77 2.72 -14.55
C LYS A 54 -12.45 3.36 -14.02
N GLU A 55 -11.89 4.23 -14.85
CA GLU A 55 -10.70 4.97 -14.45
C GLU A 55 -10.99 5.77 -13.19
N GLU A 56 -12.19 6.29 -13.08
CA GLU A 56 -12.51 7.07 -11.88
C GLU A 56 -12.60 6.19 -10.68
N MET A 57 -13.13 4.96 -10.86
CA MET A 57 -13.15 3.97 -9.77
C MET A 57 -11.75 3.66 -9.27
N VAL A 58 -10.84 3.40 -10.21
CA VAL A 58 -9.46 3.08 -9.81
C VAL A 58 -8.77 4.28 -9.15
N ASP A 59 -9.04 5.47 -9.64
CA ASP A 59 -8.55 6.73 -9.05
C ASP A 59 -9.06 6.85 -7.61
N GLU A 60 -10.35 6.56 -7.37
CA GLU A 60 -10.86 6.67 -5.99
C GLU A 60 -10.22 5.60 -5.11
N LEU A 61 -10.01 4.42 -5.66
CA LEU A 61 -9.41 3.32 -4.87
C LEU A 61 -7.98 3.65 -4.52
N LEU A 62 -7.18 4.05 -5.50
CA LEU A 62 -5.77 4.35 -5.18
C LEU A 62 -5.61 5.60 -4.34
N ARG A 63 -6.34 6.68 -4.57
CA ARG A 63 -6.26 7.82 -3.68
C ARG A 63 -6.65 7.46 -2.29
N GLY A 64 -7.72 6.71 -2.12
CA GLY A 64 -8.20 6.37 -0.75
C GLY A 64 -7.07 5.57 -0.07
N PHE A 65 -6.50 4.62 -0.80
CA PHE A 65 -5.48 3.75 -0.17
C PHE A 65 -4.30 4.61 0.21
N LEU A 66 -3.80 5.40 -0.71
CA LEU A 66 -2.58 6.20 -0.44
C LEU A 66 -2.81 7.26 0.62
N ASP A 67 -3.99 7.87 0.67
CA ASP A 67 -4.27 8.87 1.70
C ASP A 67 -4.27 8.15 3.06
N TRP A 68 -4.81 6.93 3.10
CA TRP A 68 -4.85 6.16 4.36
C TRP A 68 -3.44 5.79 4.81
N LEU A 69 -2.67 5.31 3.86
CA LEU A 69 -1.32 4.79 4.18
C LEU A 69 -0.42 5.92 4.61
N PHE A 70 -0.50 7.07 3.91
CA PHE A 70 0.41 8.16 4.23
C PHE A 70 -0.05 8.87 5.49
N ALA A 71 -1.34 8.80 5.82
CA ALA A 71 -1.78 9.28 7.13
C ALA A 71 -1.23 8.39 8.26
N ARG A 72 -1.22 7.07 8.07
CA ARG A 72 -0.56 6.17 9.02
C ARG A 72 0.91 6.54 9.13
N TYR A 73 1.56 6.74 8.00
CA TYR A 73 3.02 7.09 8.07
C TYR A 73 3.27 8.37 8.84
N ARG A 74 2.46 9.40 8.61
CA ARG A 74 2.55 10.65 9.33
C ARG A 74 2.39 10.42 10.85
N ASP A 75 1.39 9.63 11.26
CA ASP A 75 1.15 9.40 12.68
C ASP A 75 2.33 8.65 13.30
N ILE A 76 2.89 7.69 12.56
CA ILE A 76 4.05 6.87 13.03
C ILE A 76 5.28 7.74 13.18
N VAL A 77 5.56 8.57 12.17
CA VAL A 77 6.73 9.45 12.22
C VAL A 77 6.62 10.38 13.41
N ASP A 78 5.45 10.93 13.62
CA ASP A 78 5.27 11.90 14.69
C ASP A 78 5.28 11.30 16.10
N SER A 79 4.92 10.03 16.24
CA SER A 79 4.68 9.48 17.58
C SER A 79 5.81 8.62 18.13
N THR A 80 6.86 8.42 17.35
CA THR A 80 7.91 7.49 17.75
C THR A 80 9.07 8.32 18.21
N ALA A 81 9.89 7.76 19.09
CA ALA A 81 10.81 8.59 19.82
C ALA A 81 12.22 8.62 19.27
N ASN A 82 12.52 7.75 18.33
CA ASN A 82 13.85 7.59 17.79
C ASN A 82 13.75 6.79 16.50
N PRO A 83 14.83 6.76 15.68
CA PRO A 83 14.72 6.19 14.33
C PRO A 83 14.49 4.71 14.36
N LEU A 84 14.94 4.03 15.39
CA LEU A 84 14.72 2.57 15.43
C LEU A 84 13.23 2.31 15.62
N GLU A 85 12.60 2.96 16.60
CA GLU A 85 11.14 2.80 16.83
C GLU A 85 10.39 3.19 15.57
N ARG A 86 10.83 4.32 15.00
CA ARG A 86 10.12 4.84 13.81
C ARG A 86 10.20 3.82 12.70
N LEU A 87 11.41 3.35 12.41
CA LEU A 87 11.54 2.33 11.32
C LEU A 87 10.68 1.08 11.58
N GLN A 88 10.60 0.63 12.82
CA GLN A 88 9.78 -0.56 13.22
C GLN A 88 8.31 -0.25 12.85
N GLY A 89 7.81 0.92 13.22
CA GLY A 89 6.39 1.21 12.98
C GLY A 89 6.12 1.37 11.51
N LEU A 90 7.00 2.06 10.78
CA LEU A 90 6.80 2.23 9.30
C LEU A 90 6.79 0.87 8.60
N PHE A 91 7.66 -0.01 9.03
CA PHE A 91 7.78 -1.33 8.42
C PHE A 91 6.51 -2.12 8.63
N MET A 92 5.95 -2.10 9.83
CA MET A 92 4.76 -2.87 10.17
C MET A 92 3.52 -2.31 9.39
N ALA A 93 3.58 -1.06 8.98
CA ALA A 93 2.40 -0.48 8.28
C ALA A 93 2.15 -1.18 6.96
N SER A 94 3.18 -1.65 6.28
CA SER A 94 3.00 -2.41 5.02
CA SER A 94 2.91 -2.34 5.02
C SER A 94 2.08 -3.61 5.28
N PHE A 95 2.31 -4.28 6.40
CA PHE A 95 1.55 -5.47 6.76
C PHE A 95 0.14 -5.14 7.23
N GLU A 96 -0.04 -3.97 7.83
CA GLU A 96 -1.37 -3.49 8.15
C GLU A 96 -2.15 -3.25 6.83
N ALA A 97 -1.46 -2.68 5.84
CA ALA A 97 -2.07 -2.44 4.50
C ALA A 97 -2.44 -3.76 3.88
N ILE A 98 -1.56 -4.75 3.95
CA ILE A 98 -1.88 -6.06 3.36
C ILE A 98 -3.02 -6.76 4.03
N GLU A 99 -3.12 -6.61 5.34
CA GLU A 99 -4.15 -7.25 6.09
C GLU A 99 -5.53 -6.64 5.83
N HIS A 100 -5.55 -5.31 5.80
CA HIS A 100 -6.86 -4.62 5.84
C HIS A 100 -7.28 -3.98 4.52
N HIS A 101 -6.34 -3.84 3.60
CA HIS A 101 -6.64 -3.21 2.34
CA HIS A 101 -6.54 -3.15 2.34
C HIS A 101 -6.00 -4.00 1.21
N HIS A 102 -6.19 -5.32 1.30
CA HIS A 102 -5.45 -6.23 0.42
C HIS A 102 -5.71 -5.92 -1.08
N ALA A 103 -6.96 -5.76 -1.46
CA ALA A 103 -7.26 -5.53 -2.90
C ALA A 103 -6.55 -4.26 -3.41
N GLN A 104 -6.64 -3.17 -2.62
CA GLN A 104 -5.94 -1.96 -3.00
C GLN A 104 -4.43 -2.12 -3.17
N VAL A 105 -3.77 -2.90 -2.26
CA VAL A 105 -2.35 -3.16 -2.44
C VAL A 105 -2.04 -3.90 -3.73
N VAL A 106 -2.87 -4.90 -4.02
CA VAL A 106 -2.66 -5.68 -5.23
C VAL A 106 -2.86 -4.80 -6.49
N ILE A 107 -3.90 -3.98 -6.45
CA ILE A 107 -4.17 -3.12 -7.65
C ILE A 107 -3.00 -2.15 -7.83
N TYR A 108 -2.53 -1.57 -6.72
CA TYR A 108 -1.35 -0.69 -6.80
C TYR A 108 -0.21 -1.44 -7.49
N GLN A 109 0.14 -2.62 -6.97
CA GLN A 109 1.29 -3.28 -7.51
C GLN A 109 1.12 -3.80 -8.93
N ASP A 110 -0.12 -4.06 -9.33
CA ASP A 110 -0.36 -4.54 -10.69
C ASP A 110 -0.47 -3.39 -11.70
N GLU A 111 -0.93 -2.20 -11.24
CA GLU A 111 -1.33 -1.16 -12.21
C GLU A 111 -0.70 0.21 -12.03
N ALA A 112 -0.14 0.50 -10.86
CA ALA A 112 0.20 1.93 -10.63
C ALA A 112 1.35 2.43 -11.52
N GLN A 113 2.36 1.59 -11.77
CA GLN A 113 3.46 2.02 -12.62
C GLN A 113 2.97 2.35 -14.05
N ARG A 114 2.12 1.50 -14.59
CA ARG A 114 1.46 1.78 -15.90
C ARG A 114 0.61 3.07 -15.86
N LEU A 115 -0.25 3.18 -14.87
CA LEU A 115 -1.16 4.34 -14.81
C LEU A 115 -0.42 5.67 -14.56
N ALA A 116 0.79 5.61 -14.01
CA ALA A 116 1.45 6.83 -13.53
C ALA A 116 1.81 7.85 -14.60
N SER A 117 1.84 7.42 -15.86
CA SER A 117 2.15 8.34 -16.94
C SER A 117 0.93 9.17 -17.36
N GLN A 118 -0.27 8.76 -16.92
CA GLN A 118 -1.51 9.54 -17.22
C GLN A 118 -1.61 10.72 -16.25
N PRO A 119 -2.04 11.89 -16.74
CA PRO A 119 -2.20 13.04 -15.81
C PRO A 119 -3.12 12.74 -14.62
N ARG A 120 -4.19 11.97 -14.82
CA ARG A 120 -5.08 11.63 -13.71
C ARG A 120 -4.30 11.02 -12.54
N PHE A 121 -3.23 10.28 -12.82
CA PHE A 121 -2.51 9.54 -11.73
C PHE A 121 -1.17 10.21 -11.45
N SER A 122 -1.03 11.52 -11.62
CA SER A 122 0.26 12.19 -11.35
C SER A 122 0.63 12.06 -9.86
N TYR A 123 -0.36 11.81 -9.00
CA TYR A 123 -0.04 11.64 -7.57
C TYR A 123 0.69 10.35 -7.23
N ILE A 124 0.69 9.36 -8.10
CA ILE A 124 1.42 8.12 -7.81
CA ILE A 124 1.44 8.12 -7.92
C ILE A 124 2.92 8.44 -7.74
N GLU A 125 3.45 9.24 -8.65
CA GLU A 125 4.87 9.51 -8.55
C GLU A 125 5.14 10.43 -7.36
N ASP A 126 4.22 11.37 -7.09
CA ASP A 126 4.43 12.24 -5.92
C ASP A 126 4.56 11.39 -4.65
N ARG A 127 3.62 10.46 -4.47
CA ARG A 127 3.64 9.61 -3.27
C ARG A 127 4.86 8.72 -3.26
N ASN A 128 5.27 8.24 -4.43
CA ASN A 128 6.47 7.37 -4.50
C ASN A 128 7.71 8.12 -3.97
N LYS A 129 7.87 9.36 -4.41
CA LYS A 129 9.01 10.17 -3.96
C LYS A 129 8.90 10.44 -2.48
N GLN A 130 7.67 10.66 -2.04
CA GLN A 130 7.47 11.04 -0.64
C GLN A 130 7.83 9.89 0.27
N GLN A 131 7.38 8.69 -0.04
CA GLN A 131 7.73 7.56 0.89
C GLN A 131 9.20 7.19 0.77
N ARG A 132 9.80 7.37 -0.40
CA ARG A 132 11.24 7.11 -0.51
C ARG A 132 12.02 8.08 0.39
N LYS A 133 11.61 9.34 0.38
CA LYS A 133 12.34 10.35 1.21
C LYS A 133 12.13 10.01 2.67
N MET A 134 10.94 9.55 2.99
CA MET A 134 10.63 9.15 4.37
C MET A 134 11.58 8.06 4.84
N TRP A 135 11.77 7.04 4.02
CA TRP A 135 12.62 5.89 4.36
C TRP A 135 14.10 6.35 4.41
N VAL A 136 14.53 7.13 3.45
CA VAL A 136 15.93 7.55 3.40
C VAL A 136 16.19 8.42 4.67
N ASP A 137 15.24 9.24 5.03
CA ASP A 137 15.47 10.11 6.20
C ASP A 137 15.57 9.31 7.48
N VAL A 138 14.71 8.30 7.67
CA VAL A 138 14.79 7.53 8.91
C VAL A 138 16.06 6.69 8.92
N LEU A 139 16.47 6.11 7.80
CA LEU A 139 17.74 5.34 7.73
C LEU A 139 18.94 6.27 8.01
N ASN A 140 18.96 7.45 7.39
CA ASN A 140 20.08 8.38 7.65
C ASN A 140 20.14 8.76 9.13
N GLN A 141 18.99 9.09 9.72
CA GLN A 141 19.01 9.52 11.12
C GLN A 141 19.46 8.37 12.00
N GLY A 142 19.03 7.14 11.69
CA GLY A 142 19.44 5.97 12.50
C GLY A 142 20.90 5.70 12.34
N ILE A 143 21.47 5.91 11.15
CA ILE A 143 22.93 5.78 11.00
C ILE A 143 23.62 6.89 11.78
N GLU A 144 23.12 8.12 11.66
CA GLU A 144 23.80 9.27 12.28
C GLU A 144 23.82 9.09 13.80
N GLU A 145 22.75 8.55 14.38
CA GLU A 145 22.69 8.41 15.86
C GLU A 145 23.20 7.06 16.39
N GLY A 146 23.63 6.17 15.50
CA GLY A 146 24.25 4.92 15.89
C GLY A 146 23.32 3.75 16.12
N TYR A 147 22.05 3.88 15.64
CA TYR A 147 21.16 2.71 15.75
C TYR A 147 21.44 1.69 14.66
N PHE A 148 21.82 2.15 13.49
CA PHE A 148 22.02 1.29 12.33
C PHE A 148 23.46 1.29 11.91
N ARG A 149 23.88 0.19 11.27
CA ARG A 149 25.28 0.03 10.85
C ARG A 149 25.79 1.15 9.97
N PRO A 150 27.02 1.63 10.25
CA PRO A 150 27.41 2.91 9.69
C PRO A 150 27.62 2.98 8.17
N ASP A 151 27.91 1.86 7.50
CA ASP A 151 28.28 1.94 6.10
C ASP A 151 27.19 1.47 5.19
N LEU A 152 25.98 1.27 5.76
CA LEU A 152 24.85 0.80 4.92
C LEU A 152 24.64 1.79 3.80
N ASP A 153 24.31 1.27 2.61
CA ASP A 153 23.95 2.12 1.48
C ASP A 153 22.47 2.38 1.62
N VAL A 154 22.09 3.61 1.93
CA VAL A 154 20.75 3.94 2.29
CA VAL A 154 20.71 3.85 2.33
C VAL A 154 19.74 3.65 1.16
N ASP A 155 20.13 3.98 -0.07
CA ASP A 155 19.20 3.73 -1.20
C ASP A 155 18.96 2.24 -1.32
N LEU A 156 20.04 1.45 -1.21
CA LEU A 156 19.91 -0.03 -1.30
CA LEU A 156 19.88 0.02 -1.35
C LEU A 156 19.03 -0.57 -0.21
N VAL A 157 19.25 -0.12 1.03
CA VAL A 157 18.43 -0.60 2.12
C VAL A 157 16.97 -0.15 1.97
N TYR A 158 16.75 1.11 1.51
CA TYR A 158 15.39 1.48 1.20
C TYR A 158 14.74 0.49 0.21
N ARG A 159 15.44 0.16 -0.86
CA ARG A 159 14.76 -0.72 -1.86
C ARG A 159 14.58 -2.13 -1.28
N PHE A 160 15.55 -2.56 -0.47
CA PHE A 160 15.44 -3.85 0.17
C PHE A 160 14.18 -3.85 1.05
N ILE A 161 14.03 -2.83 1.91
CA ILE A 161 12.88 -2.79 2.79
C ILE A 161 11.54 -2.68 2.03
N ARG A 162 11.54 -1.83 1.05
CA ARG A 162 10.31 -1.64 0.25
C ARG A 162 9.93 -2.94 -0.40
N ASP A 163 10.90 -3.61 -1.00
CA ASP A 163 10.53 -4.80 -1.75
C ASP A 163 10.16 -5.92 -0.83
N THR A 164 10.94 -6.13 0.22
CA THR A 164 10.77 -7.27 1.16
CA THR A 164 10.72 -7.39 0.95
C THR A 164 9.37 -7.33 1.66
N THR A 165 8.97 -6.19 2.18
CA THR A 165 7.71 -6.15 2.86
C THR A 165 6.51 -6.11 1.89
N TRP A 166 6.50 -5.15 1.00
CA TRP A 166 5.32 -5.07 0.14
C TRP A 166 5.09 -6.30 -0.74
N VAL A 167 6.14 -6.98 -1.19
CA VAL A 167 5.85 -8.04 -2.19
C VAL A 167 5.24 -9.28 -1.49
N SER A 168 5.25 -9.32 -0.14
CA SER A 168 4.61 -10.46 0.53
C SER A 168 3.10 -10.51 0.25
N VAL A 169 2.50 -9.40 -0.26
CA VAL A 169 1.10 -9.44 -0.69
C VAL A 169 0.89 -10.51 -1.80
N ARG A 170 1.96 -10.89 -2.52
CA ARG A 170 1.77 -11.85 -3.62
C ARG A 170 1.55 -13.26 -3.13
N TRP A 171 1.90 -13.58 -1.89
CA TRP A 171 1.73 -14.94 -1.39
C TRP A 171 0.80 -14.99 -0.17
N TYR A 172 0.75 -13.90 0.60
CA TYR A 172 -0.02 -13.88 1.86
C TYR A 172 -1.50 -14.13 1.57
N ARG A 173 -2.06 -15.14 2.23
CA ARG A 173 -3.50 -15.45 2.17
C ARG A 173 -4.17 -15.16 3.52
N PRO A 174 -5.22 -14.30 3.51
CA PRO A 174 -5.88 -13.95 4.77
C PRO A 174 -6.50 -15.18 5.46
N GLY A 175 -6.91 -16.18 4.70
CA GLY A 175 -7.41 -17.41 5.30
C GLY A 175 -6.38 -18.34 5.97
N GLY A 176 -5.10 -17.99 5.89
CA GLY A 176 -4.05 -18.86 6.36
C GLY A 176 -3.81 -18.69 7.84
N PRO A 177 -2.98 -19.56 8.41
CA PRO A 177 -2.76 -19.64 9.86
C PRO A 177 -2.12 -18.38 10.46
N LEU A 178 -1.19 -17.73 9.76
CA LEU A 178 -0.48 -16.58 10.33
C LEU A 178 -1.23 -15.33 9.91
N THR A 179 -1.30 -14.33 10.78
CA THR A 179 -1.79 -13.02 10.38
C THR A 179 -0.67 -12.27 9.66
N ALA A 180 -1.06 -11.20 8.98
CA ALA A 180 -0.05 -10.42 8.33
C ALA A 180 0.87 -9.78 9.35
N GLN A 181 0.33 -9.43 10.52
CA GLN A 181 1.15 -8.83 11.57
C GLN A 181 2.25 -9.81 12.03
N GLN A 182 1.86 -11.07 12.16
CA GLN A 182 2.88 -12.07 12.61
C GLN A 182 3.94 -12.20 11.55
N VAL A 183 3.54 -12.25 10.26
CA VAL A 183 4.54 -12.33 9.21
C VAL A 183 5.48 -11.08 9.24
N GLY A 184 4.87 -9.90 9.43
CA GLY A 184 5.61 -8.66 9.45
C GLY A 184 6.61 -8.67 10.60
N GLN A 185 6.15 -9.14 11.72
CA GLN A 185 7.05 -9.15 12.92
C GLN A 185 8.27 -10.00 12.60
N GLN A 186 8.08 -11.14 11.97
CA GLN A 186 9.22 -12.01 11.68
C GLN A 186 10.12 -11.42 10.62
N TYR A 187 9.55 -10.80 9.58
CA TYR A 187 10.35 -10.14 8.56
C TYR A 187 11.16 -9.01 9.22
N LEU A 188 10.51 -8.32 10.15
CA LEU A 188 11.16 -7.19 10.83
C LEU A 188 12.35 -7.67 11.64
N ALA A 189 12.19 -8.81 12.31
CA ALA A 189 13.28 -9.32 13.17
C ALA A 189 14.52 -9.57 12.32
N ILE A 190 14.27 -10.04 11.10
CA ILE A 190 15.39 -10.35 10.23
C ILE A 190 16.03 -9.05 9.75
N VAL A 191 15.21 -8.11 9.28
CA VAL A 191 15.75 -6.83 8.81
C VAL A 191 16.50 -6.15 9.94
N LEU A 192 15.93 -6.14 11.15
CA LEU A 192 16.65 -5.47 12.25
C LEU A 192 17.96 -6.18 12.59
N GLY A 193 18.00 -7.50 12.59
CA GLY A 193 19.24 -8.21 12.87
C GLY A 193 20.29 -7.74 11.84
N GLY A 194 19.79 -7.49 10.63
CA GLY A 194 20.71 -7.18 9.57
C GLY A 194 21.12 -5.72 9.42
N ILE A 195 20.37 -4.77 9.96
CA ILE A 195 20.76 -3.37 9.81
C ILE A 195 21.14 -2.71 11.14
N THR A 196 20.84 -3.30 12.31
CA THR A 196 21.24 -2.63 13.55
C THR A 196 22.67 -2.85 13.92
N LYS A 197 23.18 -1.86 14.62
CA LYS A 197 24.52 -1.90 15.06
C LYS A 197 24.62 -2.85 16.28
N GLU A 198 25.77 -3.50 16.45
CA GLU A 198 26.25 -4.23 17.66
C GLU A 198 26.42 -5.73 17.43
C4 UCA B . 20.60 1.05 -9.49
C5 UCA B . 21.03 0.10 -10.44
C6 UCA B . 22.40 -0.26 -10.43
C8 UCA B . 18.89 0.49 -10.73
N1 UCA B . 23.20 0.29 -9.52
N3 UCA B . 21.48 1.55 -8.58
OAG UCA B . 2.81 -1.63 -2.92
CBT UCA B . 3.22 -0.57 -2.33
CBA UCA B . 2.07 0.40 -1.87
CBD UCA B . 2.22 1.84 -2.28
CCI UCA B . 3.67 2.29 -2.18
CAC UCA B . 4.22 2.47 -0.74
CBU UCA B . 4.13 3.65 -2.74
OAH UCA B . 3.54 4.73 -2.84
CAZ UCA B . 5.39 3.54 -3.55
CBC UCA B . 5.88 2.14 -3.23
CCD UCA B . 4.56 1.41 -3.03
CCC UCA B . 4.70 -0.08 -2.58
CBB UCA B . 4.73 -0.87 -3.90
CAY UCA B . 6.09 -1.40 -3.50
CBS UCA B . 6.36 -2.55 -4.42
OAF UCA B . 5.53 -3.10 -5.10
SBQ UCA B . 8.01 -3.08 -4.56
CAW UCA B . 7.74 -4.83 -4.73
CAU UCA B . 8.20 -5.09 -6.09
NBJ UCA B . 9.21 -4.21 -6.55
CBR UCA B . 9.13 -3.50 -7.69
OAE UCA B . 8.17 -3.72 -8.42
CAX UCA B . 10.24 -2.58 -8.00
CAV UCA B . 9.88 -1.66 -9.05
NBK UCA B . 9.16 -0.54 -8.32
CBV UCA B . 7.85 -0.49 -8.43
OAI UCA B . 7.07 -1.10 -9.14
CBZ UCA B . 7.47 0.70 -7.58
OAM UCA B . 6.15 0.46 -6.98
CCH UCA B . 7.38 2.11 -8.21
CAA UCA B . 7.01 3.13 -7.16
CAB UCA B . 6.30 2.10 -9.26
CBF UCA B . 8.74 2.46 -8.80
OBM UCA B . 9.76 2.62 -7.79
PCL UCA B . 11.06 3.47 -8.15
OAR UCA B . 10.75 4.87 -8.63
OAL UCA B . 11.98 3.41 -6.93
OBP UCA B . 11.87 2.77 -9.33
PCK UCA B . 12.74 1.40 -9.18
OAQ UCA B . 12.63 0.71 -10.54
OAK UCA B . 12.19 0.54 -8.04
O5' UCA B . 14.30 1.81 -8.80
C5' UCA B . 15.06 2.55 -9.72
C4' UCA B . 16.29 2.96 -8.95
O4' UCA B . 17.09 1.74 -8.85
C3' UCA B . 17.16 4.06 -9.61
O3' UCA B . 17.34 5.39 -8.80
PCJ UCA B . 16.79 6.91 -8.46
OAO UCA B . 18.03 7.64 -7.96
OAP UCA B . 15.74 6.85 -7.37
OAJ UCA B . 16.23 7.59 -9.69
C2' UCA B . 18.39 3.27 -9.98
O2' UCA B . 19.44 4.28 -9.83
C1' UCA B . 18.42 2.22 -8.92
N9 UCA B . 19.27 1.27 -9.69
N7 UCA B . 19.92 -0.23 -11.21
C2 UCA B . 22.73 1.18 -8.62
N6 UCA B . 22.88 -1.13 -11.32
CL CL C . 10.76 -16.50 11.90
CL CL D . -1.76 -10.89 15.06
CL CL E . 1.01 13.48 3.76
CL CL F . -9.81 4.96 5.62
#